data_7V1A
#
_entry.id   7V1A
#
_cell.length_a   60.864
_cell.length_b   104.334
_cell.length_c   48.233
_cell.angle_alpha   90.000
_cell.angle_beta   90.000
_cell.angle_gamma   90.000
#
_symmetry.space_group_name_H-M   'P 21 21 2'
#
loop_
_entity.id
_entity.type
_entity.pdbx_description
1 polymer Talin-1
2 polymer ASP-ILE-ASP-GLN-MET-PHE-SER-THR-LEU-LEU-GLY-GLU-MK8-ASP-LEU-LEU-MK8-GLN-SER
3 non-polymer 1,2-ETHANEDIOL
4 water water
#
loop_
_entity_poly.entity_id
_entity_poly.type
_entity_poly.pdbx_seq_one_letter_code
_entity_poly.pdbx_strand_id
1 'polypeptide(L)'
;APGQKECDNALRQLETVRELLENPVQPINDMSYFGCLDSVMENSKVLGEAMTGISQNAKNGNLPEFGDAIATASKALCGF
TEAAAQAAYLVGVSDPNSQAGQQGLVEPTQFARANQAIQMACQSLGEPGCTQAQVLSAATIVAKHTSALCNSCRLASART
ANPTAKRQFVQSAKEVANSTANLVKTIKALDGDFTEENRAQCRAATAPLLEAVDNLSAFASNPEFSSVPAQISPEGRAAM
EPIVISAKTMLESAGGLIQTARALAVNPRDPPRWSVLAGHSRTVSDSIKKLITSMRDKAPG
;
A
2 'polypeptide(L)' DIDQMFSTLLGE(MK8)DLL(MK8)QS B
#
loop_
_chem_comp.id
_chem_comp.type
_chem_comp.name
_chem_comp.formula
EDO non-polymer 1,2-ETHANEDIOL 'C2 H6 O2'
#
# COMPACT_ATOMS: atom_id res chain seq x y z
N ALA A 1 -23.71 -19.00 6.71
CA ALA A 1 -22.78 -18.70 5.62
C ALA A 1 -22.49 -17.19 5.39
N PRO A 2 -23.52 -16.36 5.18
CA PRO A 2 -23.28 -14.91 5.03
C PRO A 2 -22.61 -14.31 6.25
N GLY A 3 -21.56 -13.50 6.03
CA GLY A 3 -20.78 -12.92 7.10
C GLY A 3 -19.43 -13.58 7.27
N GLN A 4 -19.33 -14.86 6.89
CA GLN A 4 -18.13 -15.66 7.06
C GLN A 4 -17.03 -15.19 6.12
N LYS A 5 -17.36 -14.89 4.86
CA LYS A 5 -16.36 -14.31 3.95
C LYS A 5 -15.79 -12.99 4.50
N GLU A 6 -16.62 -12.14 5.10
CA GLU A 6 -16.05 -10.91 5.67
C GLU A 6 -15.04 -11.26 6.76
N CYS A 7 -15.39 -12.23 7.62
CA CYS A 7 -14.49 -12.66 8.69
C CYS A 7 -13.21 -13.28 8.13
N ASP A 8 -13.34 -14.15 7.13
CA ASP A 8 -12.18 -14.75 6.51
C ASP A 8 -11.26 -13.72 5.89
N ASN A 9 -11.82 -12.76 5.16
CA ASN A 9 -11.02 -11.66 4.63
C ASN A 9 -10.33 -10.87 5.73
N ALA A 10 -11.05 -10.57 6.82
CA ALA A 10 -10.43 -9.82 7.92
C ALA A 10 -9.25 -10.58 8.51
N LEU A 11 -9.41 -11.88 8.73
CA LEU A 11 -8.32 -12.70 9.28
C LEU A 11 -7.12 -12.73 8.34
N ARG A 12 -7.37 -12.75 7.02
CA ARG A 12 -6.29 -12.66 6.04
C ARG A 12 -5.62 -11.30 6.11
N GLN A 13 -6.39 -10.23 6.24
CA GLN A 13 -5.80 -8.91 6.34
C GLN A 13 -4.95 -8.78 7.62
N LEU A 14 -5.41 -9.35 8.73
CA LEU A 14 -4.61 -9.34 9.97
C LEU A 14 -3.30 -10.09 9.80
N GLU A 15 -3.32 -11.25 9.17
CA GLU A 15 -2.10 -12.03 8.94
C GLU A 15 -1.09 -11.23 8.14
N THR A 16 -1.56 -10.46 7.15
CA THR A 16 -0.66 -9.62 6.35
C THR A 16 -0.10 -8.46 7.16
N VAL A 17 -0.97 -7.73 7.87
CA VAL A 17 -0.50 -6.55 8.57
C VAL A 17 0.45 -6.92 9.72
N ARG A 18 0.35 -8.14 10.24
CA ARG A 18 1.22 -8.55 11.34
C ARG A 18 2.69 -8.64 10.95
N GLU A 19 3.01 -8.78 9.66
CA GLU A 19 4.42 -8.77 9.27
C GLU A 19 5.10 -7.45 9.57
N LEU A 20 4.35 -6.35 9.63
CA LEU A 20 4.96 -5.07 9.95
C LEU A 20 5.60 -5.08 11.32
N LEU A 21 5.20 -5.98 12.23
CA LEU A 21 5.73 -5.97 13.58
C LEU A 21 6.91 -6.92 13.75
N GLU A 22 7.28 -7.64 12.69
CA GLU A 22 8.34 -8.64 12.82
C GLU A 22 9.72 -8.00 12.98
N ASN A 23 10.02 -6.96 12.21
CA ASN A 23 11.31 -6.29 12.32
C ASN A 23 11.14 -4.82 11.94
N PRO A 24 10.50 -4.05 12.79
CA PRO A 24 10.13 -2.66 12.46
C PRO A 24 11.30 -1.68 12.61
N VAL A 25 12.33 -1.87 11.79
CA VAL A 25 13.57 -1.09 11.90
C VAL A 25 13.75 -0.13 10.74
N GLN A 26 12.75 -0.01 9.86
CA GLN A 26 12.76 0.98 8.80
C GLN A 26 11.41 1.69 8.78
N PRO A 27 11.37 2.95 8.30
CA PRO A 27 10.08 3.65 8.23
C PRO A 27 9.16 2.98 7.23
N ILE A 28 7.86 2.96 7.53
CA ILE A 28 6.88 2.35 6.63
C ILE A 28 5.90 3.36 6.07
N ASN A 29 5.83 4.56 6.63
CA ASN A 29 5.08 5.65 6.07
C ASN A 29 5.78 6.95 6.46
N ASP A 30 5.13 8.08 6.17
CA ASP A 30 5.68 9.41 6.37
C ASP A 30 5.13 10.06 7.63
N MET A 31 4.46 9.29 8.47
CA MET A 31 3.86 9.82 9.69
C MET A 31 4.93 10.25 10.67
N SER A 32 4.71 11.40 11.30
CA SER A 32 5.51 11.81 12.46
C SER A 32 5.11 10.99 13.67
N TYR A 33 5.87 11.15 14.75
CA TYR A 33 5.52 10.44 15.96
C TYR A 33 4.12 10.88 16.39
N PHE A 34 3.84 12.19 16.35
CA PHE A 34 2.49 12.65 16.69
C PHE A 34 1.47 12.24 15.64
N GLY A 35 1.89 12.09 14.38
CA GLY A 35 1.00 11.45 13.41
C GLY A 35 0.62 10.05 13.86
N CYS A 36 1.60 9.29 14.34
CA CYS A 36 1.31 7.96 14.86
C CYS A 36 0.38 8.01 16.07
N LEU A 37 0.65 8.91 17.02
CA LEU A 37 -0.23 9.00 18.19
C LEU A 37 -1.66 9.38 17.81
N ASP A 38 -1.82 10.35 16.90
CA ASP A 38 -3.14 10.72 16.38
C ASP A 38 -3.85 9.55 15.73
N SER A 39 -3.13 8.76 14.95
CA SER A 39 -3.77 7.64 14.25
C SER A 39 -4.19 6.56 15.22
N VAL A 40 -3.37 6.30 16.24
CA VAL A 40 -3.70 5.33 17.25
C VAL A 40 -4.97 5.76 18.02
N MET A 41 -5.07 7.06 18.33
CA MET A 41 -6.24 7.57 19.06
C MET A 41 -7.51 7.48 18.24
N GLU A 42 -7.47 7.87 16.97
CA GLU A 42 -8.64 7.80 16.10
C GLU A 42 -9.11 6.38 15.90
N ASN A 43 -8.19 5.46 15.63
CA ASN A 43 -8.52 4.07 15.39
C ASN A 43 -9.05 3.40 16.64
N SER A 44 -8.59 3.82 17.81
CA SER A 44 -9.13 3.31 19.06
C SER A 44 -10.63 3.58 19.15
N LYS A 45 -11.03 4.80 18.81
CA LYS A 45 -12.45 5.18 18.78
C LYS A 45 -13.23 4.32 17.78
N VAL A 46 -12.73 4.22 16.55
CA VAL A 46 -13.39 3.42 15.53
C VAL A 46 -13.51 1.95 15.91
N LEU A 47 -12.42 1.36 16.41
CA LEU A 47 -12.45 -0.05 16.80
C LEU A 47 -13.42 -0.32 17.93
N GLY A 48 -13.45 0.57 18.93
CA GLY A 48 -14.40 0.43 20.02
C GLY A 48 -15.82 0.33 19.51
N GLU A 49 -16.16 1.23 18.59
CA GLU A 49 -17.49 1.21 18.00
C GLU A 49 -17.72 -0.06 17.19
N ALA A 50 -16.70 -0.50 16.42
CA ALA A 50 -16.85 -1.70 15.61
C ALA A 50 -16.97 -2.96 16.46
N MET A 51 -16.24 -3.03 17.58
CA MET A 51 -16.36 -4.24 18.39
C MET A 51 -17.75 -4.36 18.98
N THR A 52 -18.38 -3.24 19.30
CA THR A 52 -19.76 -3.29 19.78
C THR A 52 -20.72 -3.66 18.66
N GLY A 53 -20.46 -3.14 17.46
CA GLY A 53 -21.26 -3.53 16.31
C GLY A 53 -21.16 -5.01 16.00
N ILE A 54 -19.96 -5.59 16.13
CA ILE A 54 -19.77 -7.02 15.87
C ILE A 54 -20.63 -7.82 16.84
N SER A 55 -20.49 -7.56 18.14
CA SER A 55 -21.23 -8.37 19.11
C SER A 55 -22.73 -8.16 18.97
N GLN A 56 -23.19 -6.92 18.88
CA GLN A 56 -24.63 -6.65 18.87
C GLN A 56 -25.30 -7.23 17.63
N ASN A 57 -24.66 -7.11 16.46
CA ASN A 57 -25.26 -7.61 15.22
C ASN A 57 -25.21 -9.13 15.11
N ALA A 58 -24.18 -9.78 15.65
CA ALA A 58 -24.20 -11.24 15.73
C ALA A 58 -25.33 -11.70 16.65
N LYS A 59 -25.50 -11.01 17.79
CA LYS A 59 -26.53 -11.37 18.74
C LYS A 59 -27.91 -11.31 18.07
N ASN A 60 -28.14 -10.28 17.25
CA ASN A 60 -29.46 -10.01 16.70
C ASN A 60 -29.64 -10.52 15.27
N GLY A 61 -28.63 -11.14 14.69
CA GLY A 61 -28.78 -11.69 13.36
C GLY A 61 -28.92 -10.63 12.28
N ASN A 62 -28.34 -9.45 12.49
CA ASN A 62 -28.27 -8.43 11.44
C ASN A 62 -26.98 -8.68 10.69
N LEU A 63 -27.05 -9.54 9.68
CA LEU A 63 -25.79 -10.03 9.12
C LEU A 63 -25.13 -9.02 8.17
N PRO A 64 -25.87 -8.17 7.45
CA PRO A 64 -25.16 -7.08 6.75
C PRO A 64 -24.51 -6.07 7.68
N GLU A 65 -25.15 -5.67 8.78
CA GLU A 65 -24.48 -4.76 9.71
C GLU A 65 -23.31 -5.43 10.42
N PHE A 66 -23.44 -6.73 10.69
CA PHE A 66 -22.34 -7.52 11.23
C PHE A 66 -21.13 -7.50 10.31
N GLY A 67 -21.35 -7.76 9.01
CA GLY A 67 -20.24 -7.74 8.07
C GLY A 67 -19.55 -6.39 7.98
N ASP A 68 -20.34 -5.31 7.98
CA ASP A 68 -19.72 -3.97 7.98
C ASP A 68 -18.86 -3.75 9.22
N ALA A 69 -19.34 -4.18 10.38
CA ALA A 69 -18.56 -3.99 11.59
C ALA A 69 -17.27 -4.80 11.56
N ILE A 70 -17.30 -6.05 11.06
CA ILE A 70 -16.07 -6.84 10.89
C ILE A 70 -15.10 -6.11 9.97
N ALA A 71 -15.59 -5.62 8.82
CA ALA A 71 -14.72 -4.90 7.89
C ALA A 71 -14.17 -3.60 8.52
N THR A 72 -15.00 -2.87 9.26
CA THR A 72 -14.55 -1.65 9.92
C THR A 72 -13.49 -1.93 10.99
N ALA A 73 -13.70 -2.99 11.77
CA ALA A 73 -12.70 -3.37 12.77
C ALA A 73 -11.39 -3.70 12.10
N SER A 74 -11.46 -4.46 11.01
CA SER A 74 -10.26 -4.88 10.33
C SER A 74 -9.44 -3.70 9.85
N LYS A 75 -10.11 -2.74 9.19
CA LYS A 75 -9.43 -1.54 8.74
C LYS A 75 -8.80 -0.78 9.90
N ALA A 76 -9.54 -0.60 11.00
CA ALA A 76 -8.98 0.11 12.16
C ALA A 76 -7.78 -0.64 12.75
N LEU A 77 -7.86 -1.99 12.83
CA LEU A 77 -6.73 -2.79 13.33
C LEU A 77 -5.50 -2.68 12.42
N CYS A 78 -5.69 -2.60 11.11
CA CYS A 78 -4.54 -2.45 10.22
C CYS A 78 -3.93 -1.06 10.40
N GLY A 79 -4.77 -0.01 10.46
CA GLY A 79 -4.28 1.33 10.74
C GLY A 79 -3.49 1.39 12.04
N PHE A 80 -4.01 0.75 13.10
CA PHE A 80 -3.30 0.71 14.39
C PHE A 80 -1.92 0.09 14.20
N THR A 81 -1.85 -1.05 13.49
CA THR A 81 -0.58 -1.77 13.32
C THR A 81 0.41 -0.95 12.52
N GLU A 82 -0.04 -0.30 11.46
CA GLU A 82 0.85 0.60 10.71
C GLU A 82 1.39 1.71 11.60
N ALA A 83 0.50 2.34 12.41
CA ALA A 83 0.95 3.39 13.30
C ALA A 83 1.90 2.86 14.36
N ALA A 84 1.61 1.69 14.93
CA ALA A 84 2.49 1.10 15.95
C ALA A 84 3.84 0.74 15.37
N ALA A 85 3.86 0.18 14.15
CA ALA A 85 5.13 -0.21 13.57
C ALA A 85 5.98 1.01 13.27
N GLN A 86 5.37 2.06 12.73
CA GLN A 86 6.11 3.31 12.47
C GLN A 86 6.60 3.92 13.76
N ALA A 87 5.76 3.94 14.79
CA ALA A 87 6.16 4.51 16.07
C ALA A 87 7.33 3.76 16.68
N ALA A 88 7.30 2.43 16.56
CA ALA A 88 8.41 1.62 17.06
C ALA A 88 9.71 1.98 16.36
N TYR A 89 9.67 2.07 15.02
CA TYR A 89 10.85 2.47 14.29
C TYR A 89 11.39 3.81 14.80
N LEU A 90 10.50 4.78 14.96
CA LEU A 90 10.93 6.11 15.41
C LEU A 90 11.51 6.06 16.81
N VAL A 91 10.94 5.22 17.69
CA VAL A 91 11.53 5.05 19.01
C VAL A 91 12.93 4.44 18.90
N GLY A 92 13.05 3.36 18.13
CA GLY A 92 14.36 2.71 17.97
C GLY A 92 15.45 3.61 17.38
N VAL A 93 15.11 4.35 16.32
CA VAL A 93 16.12 5.16 15.64
C VAL A 93 16.51 6.39 16.45
N SER A 94 15.70 6.80 17.44
CA SER A 94 16.00 7.95 18.25
C SER A 94 17.07 7.68 19.32
N ASP A 95 17.32 6.41 19.65
CA ASP A 95 18.36 6.07 20.62
C ASP A 95 19.70 6.68 20.21
N PRO A 96 20.45 7.26 21.14
CA PRO A 96 21.75 7.88 20.81
C PRO A 96 22.71 7.01 20.01
N ASN A 97 22.73 5.70 20.22
CA ASN A 97 23.65 4.81 19.53
C ASN A 97 23.12 4.31 18.20
N SER A 98 21.87 4.61 17.88
CA SER A 98 21.33 4.31 16.56
C SER A 98 21.82 5.29 15.49
N GLN A 99 21.87 4.79 14.27
CA GLN A 99 22.25 5.51 13.04
C GLN A 99 20.95 5.54 12.23
N ALA A 100 20.41 6.74 12.01
CA ALA A 100 19.15 6.93 11.26
C ALA A 100 19.15 6.57 9.77
N GLY A 101 20.24 6.72 9.06
CA GLY A 101 20.30 6.30 7.67
C GLY A 101 19.65 7.32 6.73
N GLN A 102 19.28 6.92 5.50
CA GLN A 102 18.54 7.79 4.59
C GLN A 102 17.49 7.14 3.68
N GLN A 103 16.42 7.90 3.42
CA GLN A 103 15.33 7.45 2.56
C GLN A 103 15.81 7.42 1.11
N GLY A 104 15.56 6.31 0.39
CA GLY A 104 15.86 6.29 -1.03
C GLY A 104 14.90 7.14 -1.85
N LEU A 105 15.34 7.57 -3.03
CA LEU A 105 14.45 8.45 -3.81
C LEU A 105 13.23 7.73 -4.36
N VAL A 106 13.37 6.47 -4.76
CA VAL A 106 12.28 5.69 -5.35
C VAL A 106 12.18 4.32 -4.71
N GLU A 107 10.99 3.93 -4.28
CA GLU A 107 10.83 2.61 -3.71
C GLU A 107 11.14 1.57 -4.79
N PRO A 108 12.14 0.71 -4.60
CA PRO A 108 12.67 -0.09 -5.73
C PRO A 108 11.77 -1.21 -6.22
N THR A 109 11.00 -1.85 -5.33
CA THR A 109 10.22 -3.02 -5.75
C THR A 109 9.07 -2.63 -6.69
N GLN A 110 8.29 -1.61 -6.33
CA GLN A 110 7.19 -1.18 -7.19
C GLN A 110 7.68 -0.50 -8.46
N PHE A 111 8.82 0.18 -8.37
CA PHE A 111 9.47 0.74 -9.56
C PHE A 111 9.77 -0.34 -10.60
N ALA A 112 10.47 -1.38 -10.18
CA ALA A 112 10.81 -2.49 -11.07
C ALA A 112 9.56 -3.16 -11.63
N ARG A 113 8.53 -3.32 -10.80
CA ARG A 113 7.30 -3.97 -11.26
C ARG A 113 6.60 -3.12 -12.33
N ALA A 114 6.59 -1.80 -12.14
CA ALA A 114 5.98 -0.90 -13.12
C ALA A 114 6.70 -1.00 -14.45
N ASN A 115 8.03 -0.95 -14.44
CA ASN A 115 8.81 -1.09 -15.67
C ASN A 115 8.54 -2.42 -16.35
N GLN A 116 8.58 -3.50 -15.59
CA GLN A 116 8.30 -4.82 -16.15
C GLN A 116 6.89 -4.88 -16.71
N ALA A 117 5.91 -4.32 -16.00
CA ALA A 117 4.53 -4.39 -16.47
C ALA A 117 4.38 -3.66 -17.80
N ILE A 118 5.03 -2.49 -17.97
CA ILE A 118 4.99 -1.76 -19.24
C ILE A 118 5.65 -2.59 -20.35
N GLN A 119 6.81 -3.16 -20.05
CA GLN A 119 7.52 -4.00 -21.02
C GLN A 119 6.68 -5.21 -21.42
N MET A 120 6.03 -5.86 -20.44
CA MET A 120 5.23 -7.03 -20.75
C MET A 120 3.97 -6.63 -21.53
N ALA A 121 3.35 -5.51 -21.16
CA ALA A 121 2.22 -5.01 -21.95
C ALA A 121 2.60 -4.67 -23.37
N CYS A 122 3.75 -4.03 -23.57
CA CYS A 122 4.19 -3.72 -24.92
C CYS A 122 4.43 -5.00 -25.73
N GLN A 123 5.02 -6.03 -25.10
CA GLN A 123 5.16 -7.33 -25.75
C GLN A 123 3.83 -8.00 -26.04
N SER A 124 2.88 -7.89 -25.12
CA SER A 124 1.58 -8.51 -25.34
C SER A 124 0.83 -7.90 -26.51
N LEU A 125 0.74 -6.58 -26.57
CA LEU A 125 0.11 -5.90 -27.69
C LEU A 125 0.75 -6.16 -29.05
N GLY A 126 1.94 -6.77 -29.09
CA GLY A 126 2.72 -7.10 -30.29
C GLY A 126 2.70 -8.55 -30.75
N GLU A 127 2.13 -9.40 -29.92
CA GLU A 127 2.04 -10.82 -30.20
C GLU A 127 1.18 -10.98 -31.46
N PRO A 128 1.57 -11.85 -32.41
CA PRO A 128 0.78 -11.93 -33.66
C PRO A 128 -0.68 -12.37 -33.57
N GLY A 129 -1.13 -13.22 -32.66
CA GLY A 129 -2.54 -13.55 -32.75
C GLY A 129 -3.43 -12.72 -31.82
N CYS A 130 -2.85 -11.73 -31.16
CA CYS A 130 -3.52 -10.78 -30.26
C CYS A 130 -4.67 -10.00 -30.94
N THR A 131 -5.85 -10.08 -30.34
CA THR A 131 -7.02 -9.33 -30.78
C THR A 131 -6.90 -7.83 -30.50
N GLN A 132 -7.67 -7.05 -31.25
CA GLN A 132 -7.71 -5.60 -31.00
C GLN A 132 -8.08 -5.29 -29.54
N ALA A 133 -9.03 -6.03 -28.95
CA ALA A 133 -9.31 -5.79 -27.54
C ALA A 133 -8.06 -5.96 -26.67
N GLN A 134 -7.20 -6.93 -26.99
CA GLN A 134 -6.00 -7.11 -26.17
C GLN A 134 -4.99 -5.97 -26.33
N VAL A 135 -4.97 -5.34 -27.49
CA VAL A 135 -4.20 -4.11 -27.67
C VAL A 135 -4.68 -3.04 -26.71
N LEU A 136 -5.99 -2.84 -26.67
CA LEU A 136 -6.57 -1.84 -25.78
C LEU A 136 -6.37 -2.19 -24.29
N SER A 137 -6.53 -3.46 -23.92
CA SER A 137 -6.30 -3.79 -22.51
C SER A 137 -4.85 -3.60 -22.13
N ALA A 138 -3.91 -3.98 -23.03
CA ALA A 138 -2.50 -3.69 -22.79
C ALA A 138 -2.29 -2.18 -22.62
N ALA A 139 -2.97 -1.34 -23.41
CA ALA A 139 -2.78 0.10 -23.26
C ALA A 139 -3.18 0.59 -21.87
N THR A 140 -4.25 0.02 -21.29
CA THR A 140 -4.67 0.42 -19.95
C THR A 140 -3.61 0.09 -18.91
N ILE A 141 -2.89 -1.02 -19.10
CA ILE A 141 -1.83 -1.41 -18.20
C ILE A 141 -0.67 -0.42 -18.34
N VAL A 142 -0.33 -0.05 -19.58
CA VAL A 142 0.68 0.98 -19.79
C VAL A 142 0.30 2.30 -19.11
N ALA A 143 -0.95 2.74 -19.28
CA ALA A 143 -1.40 4.01 -18.69
C ALA A 143 -1.29 4.00 -17.17
N LYS A 144 -1.66 2.88 -16.55
CA LYS A 144 -1.67 2.74 -15.09
C LYS A 144 -0.26 2.90 -14.57
N HIS A 145 0.70 2.21 -15.17
CA HIS A 145 2.05 2.16 -14.68
C HIS A 145 2.78 3.42 -15.11
N THR A 146 2.38 4.00 -16.23
CA THR A 146 2.99 5.27 -16.60
C THR A 146 2.65 6.34 -15.58
N SER A 147 1.41 6.34 -15.09
CA SER A 147 1.02 7.31 -14.08
C SER A 147 1.76 7.06 -12.77
N ALA A 148 1.92 5.81 -12.38
CA ALA A 148 2.67 5.51 -11.16
C ALA A 148 4.14 5.89 -11.28
N LEU A 149 4.78 5.58 -12.42
CA LEU A 149 6.15 6.00 -12.63
C LEU A 149 6.31 7.51 -12.57
N CYS A 150 5.39 8.23 -13.22
CA CYS A 150 5.51 9.70 -13.18
C CYS A 150 5.36 10.25 -11.77
N ASN A 151 4.39 9.74 -11.02
CA ASN A 151 4.26 10.16 -9.64
C ASN A 151 5.55 9.89 -8.85
N SER A 152 6.17 8.75 -9.10
CA SER A 152 7.33 8.41 -8.29
C SER A 152 8.53 9.24 -8.67
N CYS A 153 8.58 9.64 -9.95
CA CYS A 153 9.61 10.56 -10.42
C CYS A 153 9.42 11.95 -9.83
N ARG A 154 8.16 12.41 -9.71
CA ARG A 154 7.92 13.73 -9.14
C ARG A 154 8.29 13.73 -7.66
N LEU A 155 7.97 12.66 -6.96
CA LEU A 155 8.38 12.50 -5.56
C LEU A 155 9.90 12.45 -5.41
N ALA A 156 10.56 11.65 -6.25
CA ALA A 156 12.02 11.56 -6.20
C ALA A 156 12.62 12.93 -6.45
N SER A 157 12.07 13.68 -7.39
CA SER A 157 12.54 15.02 -7.67
C SER A 157 12.39 15.91 -6.44
N ALA A 158 11.25 15.82 -5.76
CA ALA A 158 11.01 16.55 -4.52
C ALA A 158 11.97 16.15 -3.40
N ARG A 159 12.31 14.86 -3.31
CA ARG A 159 13.14 14.35 -2.21
C ARG A 159 14.61 14.78 -2.31
N THR A 160 15.13 15.00 -3.53
CA THR A 160 16.53 15.35 -3.73
C THR A 160 16.76 16.87 -3.80
N ALA A 161 17.83 17.33 -3.15
CA ALA A 161 18.24 18.74 -3.21
C ALA A 161 19.28 19.01 -4.29
N ASN A 162 19.70 17.98 -5.00
CA ASN A 162 20.59 18.04 -6.14
C ASN A 162 19.87 18.57 -7.37
N PRO A 163 20.20 19.77 -7.86
CA PRO A 163 19.44 20.35 -8.99
C PRO A 163 19.52 19.51 -10.26
N THR A 164 20.67 18.86 -10.52
CA THR A 164 20.77 18.01 -11.70
C THR A 164 19.84 16.80 -11.59
N ALA A 165 19.83 16.12 -10.43
CA ALA A 165 18.91 14.99 -10.27
C ALA A 165 17.46 15.45 -10.28
N LYS A 166 17.19 16.61 -9.68
CA LYS A 166 15.85 17.19 -9.67
C LYS A 166 15.34 17.33 -11.09
N ARG A 167 16.14 17.94 -11.94
CA ARG A 167 15.73 18.16 -13.32
C ARG A 167 15.61 16.85 -14.09
N GLN A 168 16.57 15.93 -13.91
CA GLN A 168 16.58 14.70 -14.69
C GLN A 168 15.43 13.76 -14.33
N PHE A 169 15.02 13.69 -13.06
CA PHE A 169 13.85 12.85 -12.78
C PHE A 169 12.62 13.32 -13.52
N VAL A 170 12.40 14.63 -13.59
CA VAL A 170 11.27 15.18 -14.35
C VAL A 170 11.40 14.92 -15.85
N GLN A 171 12.59 15.16 -16.44
CA GLN A 171 12.75 14.95 -17.88
C GLN A 171 12.54 13.48 -18.25
N SER A 172 13.10 12.55 -17.46
CA SER A 172 12.91 11.13 -17.75
C SER A 172 11.43 10.76 -17.66
N ALA A 173 10.73 11.30 -16.66
CA ALA A 173 9.30 11.01 -16.57
C ALA A 173 8.57 11.58 -17.77
N LYS A 174 8.97 12.76 -18.19
CA LYS A 174 8.38 13.38 -19.36
C LYS A 174 8.54 12.50 -20.61
N GLU A 175 9.71 11.89 -20.79
CA GLU A 175 9.90 11.01 -21.94
C GLU A 175 8.96 9.81 -21.87
N VAL A 176 8.80 9.22 -20.68
CA VAL A 176 7.85 8.11 -20.53
C VAL A 176 6.43 8.58 -20.82
N ALA A 177 6.03 9.72 -20.26
CA ALA A 177 4.64 10.15 -20.43
C ALA A 177 4.35 10.47 -21.90
N ASN A 178 5.24 11.16 -22.60
CA ASN A 178 4.98 11.49 -24.00
C ASN A 178 5.00 10.25 -24.92
N SER A 179 5.90 9.30 -24.68
CA SER A 179 5.85 8.05 -25.46
C SER A 179 4.56 7.29 -25.23
N THR A 180 4.02 7.29 -24.02
CA THR A 180 2.75 6.60 -23.83
C THR A 180 1.66 7.30 -24.62
N ALA A 181 1.65 8.64 -24.62
CA ALA A 181 0.65 9.37 -25.39
C ALA A 181 0.72 9.02 -26.87
N ASN A 182 1.93 8.95 -27.44
CA ASN A 182 2.05 8.54 -28.84
C ASN A 182 1.56 7.11 -29.07
N LEU A 183 1.89 6.19 -28.17
CA LEU A 183 1.34 4.85 -28.33
C LEU A 183 -0.17 4.80 -28.22
N VAL A 184 -0.76 5.52 -27.25
CA VAL A 184 -2.20 5.54 -27.09
C VAL A 184 -2.88 6.13 -28.32
N LYS A 185 -2.29 7.19 -28.88
CA LYS A 185 -2.77 7.75 -30.13
C LYS A 185 -2.84 6.70 -31.22
N THR A 186 -1.81 5.85 -31.32
CA THR A 186 -1.82 4.90 -32.41
C THR A 186 -2.85 3.79 -32.16
N ILE A 187 -3.07 3.42 -30.89
CA ILE A 187 -4.13 2.46 -30.57
C ILE A 187 -5.52 3.04 -30.85
N LYS A 188 -5.74 4.28 -30.43
CA LYS A 188 -6.99 4.99 -30.69
C LYS A 188 -7.23 5.10 -32.19
N ALA A 189 -6.17 5.29 -32.95
CA ALA A 189 -6.24 5.42 -34.40
C ALA A 189 -6.90 4.18 -34.99
N LEU A 190 -6.62 3.00 -34.45
CA LEU A 190 -7.20 1.78 -34.99
C LEU A 190 -8.72 1.80 -34.85
N ASP A 191 -9.41 1.94 -35.99
CA ASP A 191 -10.87 1.92 -36.05
C ASP A 191 -11.28 1.07 -37.26
N GLY A 192 -11.86 -0.10 -36.99
CA GLY A 192 -12.31 -1.06 -37.99
C GLY A 192 -11.12 -1.59 -38.77
N ASP A 193 -9.95 -1.18 -38.25
CA ASP A 193 -8.60 -1.50 -38.72
C ASP A 193 -7.83 -2.59 -37.96
N PHE A 194 -7.82 -3.82 -38.52
CA PHE A 194 -7.27 -5.01 -37.87
C PHE A 194 -6.33 -5.75 -38.82
N THR A 195 -5.55 -5.00 -39.59
CA THR A 195 -4.69 -5.47 -40.66
C THR A 195 -3.25 -5.54 -40.15
N GLU A 196 -2.43 -6.32 -40.86
CA GLU A 196 -1.03 -6.53 -40.47
C GLU A 196 -0.24 -5.25 -40.41
N GLU A 197 -0.57 -4.25 -41.21
CA GLU A 197 0.19 -3.01 -41.11
C GLU A 197 -0.06 -2.32 -39.77
N ASN A 198 -1.30 -2.26 -39.30
CA ASN A 198 -1.55 -1.68 -37.99
C ASN A 198 -0.99 -2.53 -36.83
N ARG A 199 -0.97 -3.86 -36.96
CA ARG A 199 -0.32 -4.67 -35.93
C ARG A 199 1.17 -4.32 -35.84
N ALA A 200 1.82 -4.16 -36.99
CA ALA A 200 3.20 -3.73 -37.05
C ALA A 200 3.35 -2.30 -36.55
N GLN A 201 2.35 -1.45 -36.86
CA GLN A 201 2.35 -0.04 -36.47
C GLN A 201 2.22 0.17 -34.96
N CYS A 202 1.43 -0.67 -34.28
CA CYS A 202 1.34 -0.57 -32.82
C CYS A 202 2.68 -1.01 -32.22
N ARG A 203 3.21 -2.12 -32.72
CA ARG A 203 4.53 -2.62 -32.35
C ARG A 203 5.58 -1.52 -32.50
N ALA A 204 5.52 -0.78 -33.62
CA ALA A 204 6.47 0.30 -33.85
C ALA A 204 6.37 1.38 -32.78
N ALA A 205 5.15 1.73 -32.37
CA ALA A 205 5.02 2.80 -31.40
C ALA A 205 5.45 2.39 -29.98
N THR A 206 5.62 1.09 -29.72
CA THR A 206 6.19 0.66 -28.43
C THR A 206 7.66 1.00 -28.27
N ALA A 207 8.42 1.10 -29.36
CA ALA A 207 9.86 1.33 -29.22
C ALA A 207 10.26 2.56 -28.40
N PRO A 208 9.74 3.77 -28.65
CA PRO A 208 10.17 4.90 -27.82
C PRO A 208 9.84 4.76 -26.35
N LEU A 209 8.71 4.12 -26.03
CA LEU A 209 8.35 3.88 -24.65
C LEU A 209 9.29 2.92 -23.98
N LEU A 210 9.57 1.78 -24.63
CA LEU A 210 10.51 0.83 -24.05
C LEU A 210 11.87 1.47 -23.80
N GLU A 211 12.33 2.28 -24.75
CA GLU A 211 13.60 2.99 -24.55
C GLU A 211 13.53 4.01 -23.43
N ALA A 212 12.45 4.78 -23.36
CA ALA A 212 12.30 5.74 -22.27
C ALA A 212 12.23 5.03 -20.92
N VAL A 213 11.50 3.92 -20.86
CA VAL A 213 11.44 3.14 -19.62
C VAL A 213 12.81 2.63 -19.25
N ASP A 214 13.54 2.10 -20.21
CA ASP A 214 14.88 1.63 -19.93
C ASP A 214 15.80 2.76 -19.47
N ASN A 215 15.74 3.89 -20.15
CA ASN A 215 16.57 5.04 -19.77
C ASN A 215 16.27 5.50 -18.35
N LEU A 216 14.98 5.53 -17.97
CA LEU A 216 14.62 5.92 -16.62
C LEU A 216 15.08 4.86 -15.60
N SER A 217 14.94 3.58 -15.92
CA SER A 217 15.42 2.53 -15.03
C SER A 217 16.94 2.64 -14.82
N ALA A 218 17.69 2.90 -15.90
CA ALA A 218 19.12 3.09 -15.77
C ALA A 218 19.45 4.31 -14.91
N PHE A 219 18.77 5.43 -15.15
CA PHE A 219 19.05 6.65 -14.38
C PHE A 219 18.73 6.44 -12.91
N ALA A 220 17.58 5.84 -12.62
CA ALA A 220 17.12 5.69 -11.26
C ALA A 220 17.93 4.67 -10.48
N SER A 221 18.73 3.85 -11.15
CA SER A 221 19.50 2.83 -10.45
C SER A 221 20.82 3.33 -9.89
N ASN A 222 21.16 4.60 -10.10
CA ASN A 222 22.35 5.20 -9.48
C ASN A 222 22.37 4.88 -7.99
N PRO A 223 23.43 4.24 -7.48
CA PRO A 223 23.49 3.93 -6.03
C PRO A 223 23.31 5.17 -5.17
N GLU A 224 23.66 6.34 -5.70
CA GLU A 224 23.46 7.59 -4.96
C GLU A 224 22.01 7.78 -4.54
N PHE A 225 21.05 7.23 -5.30
CA PHE A 225 19.64 7.43 -5.01
C PHE A 225 19.07 6.34 -4.11
N SER A 226 19.87 5.32 -3.79
CA SER A 226 19.39 4.17 -3.06
CA SER A 226 19.38 4.17 -3.06
C SER A 226 19.26 4.47 -1.57
N SER A 227 18.38 3.72 -0.91
CA SER A 227 18.19 3.88 0.52
C SER A 227 19.42 3.40 1.26
N VAL A 228 19.68 3.99 2.41
CA VAL A 228 20.71 3.43 3.26
C VAL A 228 19.94 3.03 4.52
N PRO A 229 19.96 1.77 4.89
CA PRO A 229 19.17 1.30 6.03
C PRO A 229 19.62 1.95 7.31
N ALA A 230 18.66 2.18 8.19
CA ALA A 230 18.95 2.57 9.54
C ALA A 230 19.63 1.42 10.27
N GLN A 231 20.40 1.76 11.29
CA GLN A 231 20.97 0.78 12.18
C GLN A 231 20.43 1.07 13.57
N ILE A 232 19.67 0.13 14.14
CA ILE A 232 19.06 0.33 15.44
C ILE A 232 19.91 -0.40 16.47
N SER A 233 20.32 0.33 17.49
CA SER A 233 21.13 -0.16 18.57
C SER A 233 20.34 -1.12 19.44
N PRO A 234 21.05 -1.98 20.20
CA PRO A 234 20.37 -2.86 21.15
C PRO A 234 19.48 -2.12 22.12
N GLU A 235 19.89 -0.95 22.62
CA GLU A 235 19.01 -0.25 23.56
C GLU A 235 17.78 0.32 22.87
N GLY A 236 17.92 0.76 21.62
CA GLY A 236 16.73 1.17 20.86
C GLY A 236 15.75 0.03 20.67
N ARG A 237 16.26 -1.18 20.37
CA ARG A 237 15.35 -2.30 20.24
C ARG A 237 14.64 -2.57 21.57
N ALA A 238 15.37 -2.44 22.69
CA ALA A 238 14.73 -2.61 23.99
C ALA A 238 13.65 -1.56 24.21
N ALA A 239 13.90 -0.31 23.77
CA ALA A 239 12.94 0.76 23.97
C ALA A 239 11.66 0.52 23.15
N MET A 240 11.80 -0.03 21.93
CA MET A 240 10.66 -0.31 21.05
C MET A 240 9.81 -1.45 21.56
N GLU A 241 10.38 -2.32 22.37
CA GLU A 241 9.75 -3.60 22.63
C GLU A 241 8.35 -3.51 23.24
N PRO A 242 8.09 -2.64 24.24
CA PRO A 242 6.73 -2.59 24.80
C PRO A 242 5.65 -2.21 23.79
N ILE A 243 5.98 -1.32 22.85
CA ILE A 243 5.05 -0.98 21.77
C ILE A 243 4.78 -2.20 20.89
N VAL A 244 5.85 -2.92 20.48
CA VAL A 244 5.70 -4.07 19.60
C VAL A 244 4.89 -5.18 20.28
N ILE A 245 5.21 -5.48 21.54
CA ILE A 245 4.48 -6.55 22.23
C ILE A 245 3.00 -6.23 22.36
N SER A 246 2.67 -4.98 22.73
CA SER A 246 1.27 -4.60 22.88
C SER A 246 0.54 -4.68 21.54
N ALA A 247 1.19 -4.26 20.46
CA ALA A 247 0.55 -4.36 19.14
C ALA A 247 0.35 -5.83 18.74
N LYS A 248 1.35 -6.67 19.00
CA LYS A 248 1.22 -8.10 18.71
C LYS A 248 0.07 -8.72 19.51
N THR A 249 -0.04 -8.39 20.80
CA THR A 249 -1.13 -8.89 21.63
C THR A 249 -2.50 -8.39 21.16
N MET A 250 -2.60 -7.10 20.74
CA MET A 250 -3.86 -6.61 20.15
C MET A 250 -4.28 -7.46 18.97
N LEU A 251 -3.36 -7.76 18.05
CA LEU A 251 -3.71 -8.56 16.87
C LEU A 251 -4.01 -10.01 17.20
N GLU A 252 -3.32 -10.61 18.18
CA GLU A 252 -3.63 -11.99 18.54
C GLU A 252 -5.05 -12.08 19.08
N SER A 253 -5.42 -11.17 20.00
CA SER A 253 -6.78 -11.15 20.55
C SER A 253 -7.81 -10.73 19.50
N ALA A 254 -7.46 -9.79 18.61
CA ALA A 254 -8.40 -9.42 17.57
C ALA A 254 -8.71 -10.58 16.63
N GLY A 255 -7.69 -11.36 16.30
CA GLY A 255 -7.91 -12.56 15.49
C GLY A 255 -8.83 -13.52 16.19
N GLY A 256 -8.63 -13.73 17.49
CA GLY A 256 -9.55 -14.59 18.24
C GLY A 256 -10.97 -14.02 18.27
N LEU A 257 -11.08 -12.68 18.44
CA LEU A 257 -12.39 -12.02 18.43
C LEU A 257 -13.12 -12.32 17.13
N ILE A 258 -12.44 -12.13 15.99
CA ILE A 258 -13.07 -12.34 14.69
C ILE A 258 -13.41 -13.81 14.48
N GLN A 259 -12.55 -14.74 14.88
CA GLN A 259 -12.86 -16.17 14.76
C GLN A 259 -14.07 -16.54 15.58
N THR A 260 -14.16 -16.00 16.80
CA THR A 260 -15.30 -16.27 17.68
C THR A 260 -16.58 -15.68 17.09
N ALA A 261 -16.50 -14.44 16.59
CA ALA A 261 -17.65 -13.78 15.98
C ALA A 261 -18.14 -14.54 14.76
N ARG A 262 -17.22 -15.08 13.98
CA ARG A 262 -17.61 -15.83 12.80
C ARG A 262 -18.54 -16.99 13.19
N ALA A 263 -18.21 -17.69 14.27
CA ALA A 263 -19.05 -18.79 14.75
C ALA A 263 -20.37 -18.30 15.33
N LEU A 264 -20.34 -17.21 16.13
CA LEU A 264 -21.55 -16.69 16.76
C LEU A 264 -22.53 -16.13 15.75
N ALA A 265 -22.00 -15.58 14.65
CA ALA A 265 -22.87 -15.04 13.60
C ALA A 265 -23.76 -16.13 13.02
N VAL A 266 -23.21 -17.34 12.85
CA VAL A 266 -23.97 -18.46 12.28
C VAL A 266 -24.93 -19.02 13.33
N ASN A 267 -24.47 -19.09 14.59
CA ASN A 267 -25.24 -19.56 15.74
C ASN A 267 -24.98 -18.79 17.01
N PRO A 268 -25.85 -17.82 17.35
CA PRO A 268 -25.61 -16.99 18.53
C PRO A 268 -26.02 -17.65 19.83
N ARG A 269 -26.54 -18.87 19.75
CA ARG A 269 -26.91 -19.62 20.95
C ARG A 269 -25.69 -20.38 21.45
N ASP A 270 -24.81 -19.66 22.17
CA ASP A 270 -23.50 -20.22 22.52
C ASP A 270 -22.91 -19.41 23.67
N PRO A 271 -23.40 -19.62 24.89
CA PRO A 271 -22.91 -18.84 26.04
C PRO A 271 -21.40 -18.88 26.16
N PRO A 272 -20.73 -20.03 25.96
CA PRO A 272 -19.26 -20.02 26.07
C PRO A 272 -18.56 -19.08 25.10
N ARG A 273 -19.00 -19.09 23.85
CA ARG A 273 -18.41 -18.21 22.84
C ARG A 273 -18.70 -16.74 23.11
N TRP A 274 -19.86 -16.42 23.72
CA TRP A 274 -20.10 -15.04 24.13
C TRP A 274 -19.10 -14.57 25.18
N SER A 275 -18.76 -15.42 26.18
CA SER A 275 -17.72 -15.03 27.15
C SER A 275 -16.36 -14.89 26.48
N VAL A 276 -15.99 -15.85 25.64
CA VAL A 276 -14.74 -15.75 24.91
C VAL A 276 -14.70 -14.46 24.11
N LEU A 277 -15.80 -14.14 23.43
CA LEU A 277 -15.86 -12.89 22.68
C LEU A 277 -15.61 -11.67 23.57
N ALA A 278 -16.25 -11.63 24.74
CA ALA A 278 -16.03 -10.51 25.65
C ALA A 278 -14.61 -10.49 26.18
N GLY A 279 -14.01 -11.67 26.36
CA GLY A 279 -12.63 -11.73 26.80
C GLY A 279 -11.68 -11.19 25.75
N HIS A 280 -11.83 -11.64 24.49
CA HIS A 280 -10.97 -11.11 23.44
C HIS A 280 -11.17 -9.61 23.30
N SER A 281 -12.42 -9.13 23.37
CA SER A 281 -12.68 -7.70 23.17
C SER A 281 -12.00 -6.87 24.27
N ARG A 282 -12.13 -7.30 25.54
CA ARG A 282 -11.45 -6.60 26.63
C ARG A 282 -9.92 -6.67 26.53
N THR A 283 -9.35 -7.81 26.09
CA THR A 283 -7.91 -7.90 25.90
C THR A 283 -7.43 -7.04 24.74
N VAL A 284 -8.23 -6.95 23.68
CA VAL A 284 -7.94 -5.96 22.63
C VAL A 284 -7.84 -4.56 23.24
N SER A 285 -8.83 -4.17 24.04
CA SER A 285 -8.81 -2.84 24.64
C SER A 285 -7.63 -2.65 25.59
N ASP A 286 -7.33 -3.67 26.40
CA ASP A 286 -6.20 -3.58 27.33
C ASP A 286 -4.89 -3.39 26.57
N SER A 287 -4.72 -4.11 25.46
CA SER A 287 -3.50 -4.00 24.67
C SER A 287 -3.37 -2.62 24.04
N ILE A 288 -4.48 -2.06 23.55
CA ILE A 288 -4.44 -0.72 22.99
C ILE A 288 -4.09 0.31 24.07
N LYS A 289 -4.70 0.19 25.26
CA LYS A 289 -4.34 1.09 26.36
C LYS A 289 -2.85 0.99 26.68
N LYS A 290 -2.34 -0.24 26.76
CA LYS A 290 -0.91 -0.41 27.04
C LYS A 290 -0.04 0.17 25.92
N LEU A 291 -0.46 0.00 24.67
CA LEU A 291 0.30 0.55 23.56
C LEU A 291 0.35 2.07 23.57
N ILE A 292 -0.79 2.74 23.82
CA ILE A 292 -0.81 4.20 23.88
C ILE A 292 0.06 4.69 25.03
N THR A 293 -0.09 4.09 26.20
CA THR A 293 0.74 4.46 27.33
C THR A 293 2.23 4.25 26.99
N SER A 294 2.56 3.11 26.36
CA SER A 294 3.93 2.85 25.95
C SER A 294 4.39 3.89 24.93
N MET A 295 3.53 4.24 23.97
CA MET A 295 3.93 5.25 23.00
C MET A 295 4.21 6.60 23.65
N ARG A 296 3.42 6.97 24.66
CA ARG A 296 3.68 8.21 25.36
C ARG A 296 4.94 8.11 26.23
N ASP A 297 5.06 7.03 27.01
CA ASP A 297 6.18 6.93 27.95
C ASP A 297 7.52 6.75 27.24
N LYS A 298 7.53 6.09 26.08
CA LYS A 298 8.77 5.78 25.36
C LYS A 298 9.03 6.80 24.24
N ALA A 299 8.24 7.87 24.24
CA ALA A 299 8.25 8.95 23.27
C ALA A 299 9.64 9.60 23.14
N PRO A 300 10.19 9.74 21.92
CA PRO A 300 11.43 10.48 21.65
C PRO A 300 11.26 12.00 21.67
N ASP B 1 -16.73 6.17 -21.56
CA ASP B 1 -16.20 6.84 -22.75
C ASP B 1 -14.70 6.55 -22.90
N ILE B 2 -14.25 6.44 -24.16
CA ILE B 2 -12.87 6.03 -24.45
C ILE B 2 -11.87 7.08 -23.96
N ASP B 3 -12.26 8.35 -23.93
CA ASP B 3 -11.37 9.40 -23.41
C ASP B 3 -11.43 9.46 -21.89
N GLN B 4 -12.64 9.45 -21.31
CA GLN B 4 -12.78 9.42 -19.86
C GLN B 4 -11.98 8.29 -19.23
N MET B 5 -11.99 7.10 -19.88
CA MET B 5 -11.33 5.93 -19.32
C MET B 5 -9.83 6.13 -19.19
N PHE B 6 -9.17 6.52 -20.28
CA PHE B 6 -7.73 6.75 -20.23
C PHE B 6 -7.39 7.92 -19.33
N SER B 7 -8.27 8.93 -19.27
CA SER B 7 -8.05 10.02 -18.34
C SER B 7 -8.02 9.51 -16.89
N THR B 8 -9.00 8.68 -16.52
CA THR B 8 -9.00 8.12 -15.16
C THR B 8 -7.70 7.35 -14.87
N LEU B 9 -7.14 6.69 -15.88
CA LEU B 9 -5.97 5.83 -15.67
C LEU B 9 -4.69 6.64 -15.54
N LEU B 10 -4.55 7.68 -16.37
CA LEU B 10 -3.35 8.50 -16.44
C LEU B 10 -3.13 9.37 -15.20
N GLY B 11 -4.04 9.34 -14.21
CA GLY B 11 -3.75 9.92 -12.91
C GLY B 11 -3.29 11.36 -13.04
N GLU B 12 -2.30 11.75 -12.23
CA GLU B 12 -1.89 13.16 -12.25
C GLU B 12 -0.71 13.42 -13.22
C MK8 B 13 0.49 14.44 -15.90
N MK8 B 13 -0.78 12.78 -14.39
O MK8 B 13 1.66 14.78 -16.19
CA MK8 B 13 0.23 12.92 -15.46
CB MK8 B 13 -0.20 12.12 -16.70
CD MK8 B 13 -0.74 13.36 -18.76
CE MK8 B 13 -0.19 14.34 -19.75
CG MK8 B 13 0.36 12.63 -18.02
CB1 MK8 B 13 1.60 12.36 -15.03
N ASP B 14 -0.56 15.26 -15.92
CA ASP B 14 -0.47 16.66 -16.36
C ASP B 14 0.53 17.48 -15.56
N LEU B 15 0.64 17.16 -14.26
CA LEU B 15 1.64 17.82 -13.42
C LEU B 15 3.06 17.63 -13.96
N LEU B 16 3.29 16.67 -14.85
CA LEU B 16 4.61 16.53 -15.47
C LEU B 16 4.72 17.19 -16.83
C MK8 B 17 3.81 19.17 -18.92
N MK8 B 17 3.74 16.96 -17.71
O MK8 B 17 4.70 19.78 -19.58
CA MK8 B 17 3.70 17.61 -19.03
CB MK8 B 17 2.41 17.31 -19.76
CD MK8 B 17 2.09 15.05 -20.72
CE MK8 B 17 0.78 14.33 -20.88
CG MK8 B 17 2.03 15.89 -19.46
CB1 MK8 B 17 4.84 17.12 -19.92
N GLN B 18 2.94 19.77 -18.12
CA GLN B 18 3.04 21.18 -17.81
C GLN B 18 4.40 21.52 -17.22
N SER B 19 5.06 20.53 -16.61
CA SER B 19 6.38 20.75 -16.03
C SER B 19 7.50 20.34 -16.99
C1 EDO C . -3.41 13.61 -16.30
O1 EDO C . -3.26 14.63 -15.30
C2 EDO C . -4.88 13.21 -16.48
O2 EDO C . -5.13 11.79 -16.53
#